data_3UAN
#
_entry.id   3UAN
#
_cell.length_a   52.883
_cell.length_b   62.168
_cell.length_c   86.373
_cell.angle_alpha   90.00
_cell.angle_beta   95.16
_cell.angle_gamma   90.00
#
_symmetry.space_group_name_H-M   'P 1 21 1'
#
loop_
_entity.id
_entity.type
_entity.pdbx_description
1 polymer 'Heparan sulfate glucosamine 3-O-sulfotransferase 1'
2 branched '2-acetamido-2-deoxy-6-O-sulfo-alpha-D-glucopyranose-(1-4)-beta-D-glucopyranuronic acid-(1-4)-2-deoxy-6-O-sulfo-2-(sulfoamino)-alpha-D-glucopyranose-(1-4)-2-O-sulfo-alpha-L-idopyranuronic acid-(1-4)-2-deoxy-6-O-sulfo-2-(sulfoamino)-alpha-D-glucopyranose-(1-4)-beta-D-glucopyranuronic acid'
3 branched '2-acetamido-2-deoxy-6-O-sulfo-alpha-D-glucopyranose-(1-4)-beta-D-glucopyranuronic acid-(1-4)-2-deoxy-6-O-sulfo-2-(sulfoamino)-alpha-D-glucopyranose-(1-4)-2-O-sulfo-alpha-L-idopyranuronic acid-(1-4)-2-deoxy-6-O-sulfo-2-(sulfoamino)-alpha-D-glucopyranose'
4 non-polymer "ADENOSINE-3'-5'-DIPHOSPHATE"
5 non-polymer 'beta-D-glucopyranuronic acid'
6 water water
#
_entity_poly.entity_id   1
_entity_poly.type   'polypeptide(L)'
_entity_poly.pdbx_seq_one_letter_code
;GSPNSGTASNGSTQQLPQTIIIGVRKGGTRALLEMLSLHPDVAAAENEVHFFDWEEHYSQGLGWYLTQMPFSSPHQLTVE
KTPAYFTSPKVPERIHSMNPTIRLLLILRDPSERVLSDYTQVLYNHLQKHKPYPPIEDLLMRDGRLNLDYKALNRSLYHA
HMLNWLRFFPLGHIHIVDGDRLIRDPFPEIQKVERFLKLSPQINASNFYFNKTKGFYCLRDSGKDRCLHESKGRAHPQVD
PKLLDKLHEYFHEPNKKFFKLVGRTFDWH
;
_entity_poly.pdbx_strand_id   A,B
#
# COMPACT_ATOMS: atom_id res chain seq x y z
N SER A 12 -15.51 4.63 -11.89
CA SER A 12 -15.15 4.81 -10.49
C SER A 12 -14.23 3.71 -9.99
N THR A 13 -13.18 4.10 -9.28
CA THR A 13 -12.22 3.15 -8.75
C THR A 13 -11.77 3.59 -7.37
N GLN A 14 -11.12 2.70 -6.65
CA GLN A 14 -10.55 3.04 -5.36
C GLN A 14 -9.12 3.55 -5.53
N GLN A 15 -8.82 4.66 -4.87
CA GLN A 15 -7.49 5.26 -4.91
C GLN A 15 -7.03 5.56 -3.50
N LEU A 16 -5.73 5.47 -3.27
CA LEU A 16 -5.20 5.91 -1.97
C LEU A 16 -5.47 7.40 -1.80
N PRO A 17 -5.63 7.86 -0.55
CA PRO A 17 -6.03 9.24 -0.30
C PRO A 17 -4.94 10.21 -0.69
N GLN A 18 -5.32 11.28 -1.39
CA GLN A 18 -4.38 12.35 -1.74
C GLN A 18 -4.34 13.40 -0.63
N THR A 19 -5.27 13.32 0.31
CA THR A 19 -5.22 14.15 1.51
C THR A 19 -5.80 13.38 2.69
N ILE A 20 -5.27 13.69 3.86
CA ILE A 20 -5.74 13.06 5.09
C ILE A 20 -5.97 14.10 6.16
N ILE A 21 -7.10 13.99 6.84
CA ILE A 21 -7.35 14.80 8.03
C ILE A 21 -6.77 14.02 9.21
N ILE A 22 -5.68 14.55 9.79
CA ILE A 22 -4.88 13.76 10.73
C ILE A 22 -5.19 14.02 12.19
N GLY A 23 -6.09 14.96 12.47
CA GLY A 23 -6.35 15.38 13.84
C GLY A 23 -6.66 16.87 13.88
N VAL A 24 -6.68 17.47 15.07
CA VAL A 24 -6.44 16.79 16.33
C VAL A 24 -7.73 16.17 16.89
N ARG A 25 -7.60 15.15 17.73
CA ARG A 25 -8.75 14.61 18.48
C ARG A 25 -9.59 15.74 19.11
N LYS A 26 -10.89 15.71 18.84
CA LYS A 26 -11.86 16.74 19.29
C LYS A 26 -11.65 18.13 18.69
N GLY A 27 -10.88 18.22 17.61
CA GLY A 27 -10.63 19.50 16.99
C GLY A 27 -11.75 19.96 16.08
N GLY A 28 -12.63 19.02 15.71
CA GLY A 28 -13.67 19.27 14.72
C GLY A 28 -13.44 18.48 13.44
N THR A 29 -12.92 17.27 13.58
CA THR A 29 -12.52 16.46 12.43
C THR A 29 -13.72 15.99 11.60
N ARG A 30 -14.81 15.62 12.26
CA ARG A 30 -15.99 15.18 11.54
C ARG A 30 -16.61 16.36 10.79
N ALA A 31 -16.73 17.50 11.46
CA ALA A 31 -17.28 18.69 10.81
C ALA A 31 -16.48 19.00 9.54
N LEU A 32 -15.16 19.00 9.66
CA LEU A 32 -14.29 19.33 8.54
C LEU A 32 -14.51 18.37 7.37
N LEU A 33 -14.54 17.08 7.68
CA LEU A 33 -14.75 16.06 6.65
C LEU A 33 -16.11 16.23 5.96
N GLU A 34 -17.18 16.36 6.73
CA GLU A 34 -18.53 16.51 6.15
C GLU A 34 -18.61 17.76 5.27
N MET A 35 -18.03 18.85 5.76
CA MET A 35 -18.10 20.11 5.03
C MET A 35 -17.29 20.03 3.74
N LEU A 36 -16.13 19.42 3.81
CA LEU A 36 -15.30 19.23 2.62
C LEU A 36 -16.00 18.33 1.62
N SER A 37 -16.75 17.35 2.12
CA SER A 37 -17.44 16.41 1.25
C SER A 37 -18.58 17.04 0.43
N LEU A 38 -18.93 18.28 0.77
CA LEU A 38 -19.92 19.02 -0.01
C LEU A 38 -19.39 19.32 -1.42
N HIS A 39 -18.06 19.30 -1.57
CA HIS A 39 -17.46 19.58 -2.86
C HIS A 39 -17.64 18.40 -3.81
N PRO A 40 -18.10 18.67 -5.04
CA PRO A 40 -18.33 17.59 -6.01
C PRO A 40 -17.08 16.80 -6.36
N ASP A 41 -15.90 17.40 -6.22
CA ASP A 41 -14.65 16.74 -6.58
C ASP A 41 -13.98 16.06 -5.38
N VAL A 42 -14.73 15.84 -4.31
CA VAL A 42 -14.17 15.16 -3.14
C VAL A 42 -14.92 13.86 -2.86
N ALA A 43 -14.17 12.79 -2.67
CA ALA A 43 -14.74 11.51 -2.26
C ALA A 43 -14.19 11.17 -0.88
N ALA A 44 -15.07 11.04 0.11
CA ALA A 44 -14.63 10.86 1.48
C ALA A 44 -14.91 9.46 2.02
N ALA A 45 -13.95 8.91 2.78
CA ALA A 45 -14.22 7.67 3.49
C ALA A 45 -15.19 7.98 4.62
N GLU A 46 -16.23 7.17 4.77
CA GLU A 46 -17.31 7.45 5.72
C GLU A 46 -16.87 7.35 7.18
N ASN A 47 -16.03 6.37 7.50
CA ASN A 47 -15.62 6.13 8.88
C ASN A 47 -14.16 6.49 9.13
N GLU A 48 -13.78 6.63 10.40
CA GLU A 48 -12.36 6.74 10.76
C GLU A 48 -11.66 5.42 10.39
N VAL A 49 -10.59 5.50 9.61
CA VAL A 49 -9.97 4.29 9.10
C VAL A 49 -8.97 3.65 10.08
N HIS A 50 -8.23 4.49 10.81
CA HIS A 50 -7.23 4.01 11.76
C HIS A 50 -6.23 3.04 11.12
N PHE A 51 -5.68 3.43 9.98
CA PHE A 51 -4.73 2.57 9.29
C PHE A 51 -3.35 2.65 9.91
N PHE A 52 -2.81 3.87 9.98
CA PHE A 52 -1.42 4.03 10.40
C PHE A 52 -1.20 3.86 11.89
N ASP A 53 -2.26 4.01 12.68
CA ASP A 53 -2.13 4.00 14.15
C ASP A 53 -2.46 2.66 14.83
N TRP A 54 -3.30 1.83 14.21
CA TRP A 54 -3.61 0.52 14.77
C TRP A 54 -2.75 -0.54 14.10
N GLU A 55 -2.01 -1.30 14.88
CA GLU A 55 -1.10 -2.30 14.32
C GLU A 55 -1.84 -3.39 13.56
N GLU A 56 -3.03 -3.77 14.04
CA GLU A 56 -3.83 -4.79 13.37
C GLU A 56 -4.20 -4.35 11.96
N HIS A 57 -4.24 -3.03 11.74
CA HIS A 57 -4.55 -2.50 10.42
C HIS A 57 -3.30 -2.26 9.58
N TYR A 58 -2.32 -1.59 10.16
CA TYR A 58 -1.12 -1.24 9.40
C TYR A 58 -0.34 -2.48 8.93
N SER A 59 -0.37 -3.54 9.74
CA SER A 59 0.35 -4.77 9.43
C SER A 59 -0.19 -5.46 8.19
N GLN A 60 -1.40 -5.08 7.77
CA GLN A 60 -2.01 -5.69 6.59
C GLN A 60 -1.55 -5.06 5.27
N GLY A 61 -0.89 -3.92 5.35
CA GLY A 61 -0.34 -3.26 4.17
C GLY A 61 -1.24 -2.27 3.48
N LEU A 62 -0.68 -1.52 2.54
CA LEU A 62 -1.42 -0.50 1.78
C LEU A 62 -2.57 -1.09 0.97
N GLY A 63 -2.48 -2.37 0.62
CA GLY A 63 -3.56 -3.02 -0.09
C GLY A 63 -4.84 -2.98 0.73
N TRP A 64 -4.72 -3.21 2.03
CA TRP A 64 -5.88 -3.14 2.92
C TRP A 64 -6.42 -1.70 2.97
N TYR A 65 -5.51 -0.74 3.12
CA TYR A 65 -5.91 0.67 3.18
C TYR A 65 -6.73 1.03 1.94
N LEU A 66 -6.23 0.64 0.78
CA LEU A 66 -6.92 0.92 -0.48
C LEU A 66 -8.35 0.39 -0.47
N THR A 67 -8.56 -0.79 0.09
CA THR A 67 -9.90 -1.40 0.09
C THR A 67 -10.89 -0.63 0.96
N GLN A 68 -10.36 0.17 1.88
CA GLN A 68 -11.20 0.93 2.79
C GLN A 68 -11.62 2.26 2.17
N MET A 69 -11.04 2.58 1.02
CA MET A 69 -11.31 3.87 0.38
C MET A 69 -12.64 3.89 -0.36
N PRO A 70 -13.28 5.06 -0.41
CA PRO A 70 -14.48 5.20 -1.23
C PRO A 70 -14.11 5.04 -2.70
N PHE A 71 -15.09 4.71 -3.52
CA PHE A 71 -14.88 4.73 -4.97
C PHE A 71 -14.96 6.17 -5.46
N SER A 72 -14.05 6.57 -6.34
CA SER A 72 -14.02 7.94 -6.82
C SER A 72 -13.96 8.02 -8.34
N SER A 73 -14.49 9.12 -8.87
CA SER A 73 -14.41 9.43 -10.29
C SER A 73 -13.04 10.03 -10.59
N PRO A 74 -12.65 10.04 -11.88
CA PRO A 74 -11.31 10.46 -12.31
C PRO A 74 -10.87 11.84 -11.82
N HIS A 75 -11.80 12.77 -11.65
CA HIS A 75 -11.44 14.13 -11.25
C HIS A 75 -11.66 14.38 -9.75
N GLN A 76 -11.66 13.31 -8.97
CA GLN A 76 -11.97 13.45 -7.55
C GLN A 76 -10.78 13.22 -6.64
N LEU A 77 -10.78 13.91 -5.51
N LEU A 77 -10.73 13.97 -5.55
CA LEU A 77 -9.77 13.79 -4.47
CA LEU A 77 -9.73 13.73 -4.52
C LEU A 77 -10.27 12.89 -3.35
C LEU A 77 -10.33 12.77 -3.50
N THR A 78 -9.50 11.86 -3.00
CA THR A 78 -9.92 10.93 -1.95
C THR A 78 -9.34 11.36 -0.62
N VAL A 79 -10.18 11.38 0.43
CA VAL A 79 -9.76 11.83 1.75
C VAL A 79 -10.31 10.91 2.82
N GLU A 80 -9.56 10.73 3.90
CA GLU A 80 -10.08 10.05 5.08
C GLU A 80 -9.70 10.88 6.31
N LYS A 81 -10.42 10.68 7.40
CA LYS A 81 -10.06 11.33 8.65
C LYS A 81 -9.86 10.30 9.76
N THR A 82 -8.72 10.38 10.42
CA THR A 82 -8.46 9.63 11.65
C THR A 82 -7.79 10.56 12.64
N PRO A 83 -8.53 11.00 13.67
CA PRO A 83 -8.03 12.05 14.57
C PRO A 83 -6.77 11.64 15.35
N ALA A 84 -6.59 10.34 15.56
CA ALA A 84 -5.46 9.84 16.36
C ALA A 84 -4.10 10.01 15.70
N TYR A 85 -4.08 10.17 14.38
CA TYR A 85 -2.80 10.23 13.67
C TYR A 85 -1.91 11.31 14.25
N PHE A 86 -2.44 12.51 14.44
CA PHE A 86 -1.61 13.65 14.85
C PHE A 86 -0.77 13.40 16.10
N THR A 87 -1.36 12.79 17.11
CA THR A 87 -0.68 12.59 18.39
C THR A 87 -0.11 11.19 18.52
N SER A 88 0.08 10.50 17.39
CA SER A 88 0.64 9.16 17.41
C SER A 88 2.05 9.19 16.82
N PRO A 89 3.07 9.07 17.68
CA PRO A 89 4.48 9.26 17.31
C PRO A 89 4.91 8.48 16.07
N LYS A 90 4.39 7.26 15.90
CA LYS A 90 4.84 6.37 14.85
C LYS A 90 4.24 6.71 13.48
N VAL A 91 3.18 7.52 13.48
CA VAL A 91 2.36 7.71 12.28
C VAL A 91 2.99 8.55 11.16
N PRO A 92 3.61 9.68 11.52
CA PRO A 92 4.21 10.53 10.47
C PRO A 92 5.12 9.74 9.52
N GLU A 93 6.01 8.92 10.06
CA GLU A 93 6.95 8.20 9.20
C GLU A 93 6.26 7.21 8.26
N ARG A 94 5.17 6.62 8.73
CA ARG A 94 4.43 5.65 7.95
C ARG A 94 3.69 6.32 6.79
N ILE A 95 3.12 7.49 7.06
CA ILE A 95 2.43 8.23 6.00
C ILE A 95 3.45 8.71 4.97
N HIS A 96 4.58 9.20 5.46
CA HIS A 96 5.69 9.61 4.59
C HIS A 96 6.16 8.48 3.67
N SER A 97 6.18 7.25 4.20
CA SER A 97 6.54 6.08 3.42
C SER A 97 5.54 5.81 2.30
N MET A 98 4.26 6.05 2.57
CA MET A 98 3.24 5.89 1.54
C MET A 98 3.35 7.00 0.48
N ASN A 99 3.48 8.24 0.94
CA ASN A 99 3.50 9.38 0.02
C ASN A 99 4.11 10.63 0.62
N PRO A 100 5.39 10.90 0.31
CA PRO A 100 6.09 12.06 0.86
C PRO A 100 5.47 13.40 0.46
N THR A 101 4.75 13.44 -0.65
CA THR A 101 4.21 14.71 -1.15
C THR A 101 2.75 14.94 -0.79
N ILE A 102 2.21 14.10 0.08
CA ILE A 102 0.80 14.18 0.45
C ILE A 102 0.47 15.52 1.10
N ARG A 103 -0.76 15.99 0.89
CA ARG A 103 -1.26 17.19 1.57
C ARG A 103 -2.06 16.78 2.81
N LEU A 104 -1.76 17.40 3.95
CA LEU A 104 -2.39 17.00 5.20
C LEU A 104 -3.23 18.14 5.77
N LEU A 105 -4.36 17.79 6.37
CA LEU A 105 -5.22 18.76 7.02
C LEU A 105 -5.18 18.54 8.53
N LEU A 106 -4.93 19.61 9.26
CA LEU A 106 -4.88 19.55 10.72
C LEU A 106 -5.81 20.60 11.29
N ILE A 107 -6.84 20.17 12.01
CA ILE A 107 -7.78 21.12 12.60
C ILE A 107 -7.55 21.26 14.11
N LEU A 108 -7.32 22.50 14.54
CA LEU A 108 -6.96 22.77 15.93
C LEU A 108 -7.92 23.74 16.62
N ARG A 109 -8.26 23.43 17.86
CA ARG A 109 -9.05 24.34 18.69
C ARG A 109 -8.20 24.81 19.84
N ASP A 110 -8.66 25.84 20.54
CA ASP A 110 -8.01 26.28 21.77
C ASP A 110 -7.67 25.05 22.60
N PRO A 111 -6.43 24.94 23.05
CA PRO A 111 -5.98 23.71 23.72
C PRO A 111 -6.75 23.41 25.00
N SER A 112 -7.12 24.43 25.76
CA SER A 112 -7.92 24.20 26.97
C SER A 112 -9.31 23.70 26.62
N GLU A 113 -9.95 24.33 25.62
CA GLU A 113 -11.26 23.90 25.20
C GLU A 113 -11.21 22.49 24.65
N ARG A 114 -10.13 22.15 23.95
CA ARG A 114 -9.96 20.80 23.42
C ARG A 114 -9.86 19.78 24.56
N VAL A 115 -9.16 20.14 25.63
CA VAL A 115 -9.07 19.27 26.80
C VAL A 115 -10.46 19.01 27.37
N LEU A 116 -11.25 20.08 27.54
CA LEU A 116 -12.62 19.94 28.06
C LEU A 116 -13.51 19.10 27.14
N SER A 117 -13.33 19.26 25.83
CA SER A 117 -14.08 18.47 24.86
C SER A 117 -13.72 16.99 24.96
N ASP A 118 -12.44 16.73 25.20
CA ASP A 118 -11.92 15.38 25.30
C ASP A 118 -12.50 14.72 26.54
N TYR A 119 -12.46 15.45 27.65
CA TYR A 119 -13.02 14.94 28.90
C TYR A 119 -14.49 14.61 28.75
N THR A 120 -15.24 15.53 28.13
CA THR A 120 -16.68 15.40 28.01
C THR A 120 -17.07 14.16 27.21
N GLN A 121 -16.27 13.85 26.19
CA GLN A 121 -16.54 12.66 25.40
C GLN A 121 -16.30 11.40 26.22
N VAL A 122 -15.22 11.39 27.01
CA VAL A 122 -14.92 10.21 27.82
C VAL A 122 -15.95 10.07 28.94
N LEU A 123 -16.39 11.21 29.49
CA LEU A 123 -17.46 11.17 30.47
C LEU A 123 -18.69 10.53 29.86
N TYR A 124 -19.09 11.01 28.68
N TYR A 124 -19.08 10.98 28.67
CA TYR A 124 -20.24 10.48 27.97
CA TYR A 124 -20.28 10.44 28.05
C TYR A 124 -20.12 8.96 27.78
C TYR A 124 -20.17 8.96 27.65
N ASN A 125 -18.96 8.52 27.35
CA ASN A 125 -18.69 7.09 27.19
C ASN A 125 -18.99 6.34 28.49
N HIS A 126 -18.53 6.88 29.62
CA HIS A 126 -18.78 6.25 30.91
C HIS A 126 -20.26 6.27 31.28
N LEU A 127 -20.93 7.39 31.01
CA LEU A 127 -22.37 7.50 31.30
C LEU A 127 -23.18 6.45 30.54
N GLN A 128 -22.82 6.20 29.29
N GLN A 128 -22.82 6.19 29.29
CA GLN A 128 -23.52 5.22 28.47
CA GLN A 128 -23.54 5.21 28.48
C GLN A 128 -23.39 3.83 29.08
C GLN A 128 -23.34 3.78 28.99
N LYS A 129 -22.25 3.56 29.71
CA LYS A 129 -21.99 2.26 30.32
C LYS A 129 -22.40 2.23 31.78
N HIS A 130 -23.04 3.31 32.23
CA HIS A 130 -23.47 3.46 33.62
C HIS A 130 -22.29 3.31 34.59
N LYS A 131 -21.15 3.86 34.21
CA LYS A 131 -19.94 3.74 35.01
C LYS A 131 -19.61 5.07 35.64
N PRO A 132 -19.05 5.05 36.85
CA PRO A 132 -18.59 6.29 37.48
C PRO A 132 -17.37 6.86 36.74
N TYR A 133 -17.29 8.18 36.68
CA TYR A 133 -16.15 8.87 36.11
C TYR A 133 -16.00 10.17 36.88
N PRO A 134 -14.78 10.48 37.34
CA PRO A 134 -14.59 11.62 38.22
C PRO A 134 -14.76 12.96 37.50
N PRO A 135 -15.18 13.99 38.24
CA PRO A 135 -15.23 15.36 37.72
C PRO A 135 -13.87 15.72 37.17
N ILE A 136 -13.82 16.61 36.19
CA ILE A 136 -12.55 16.90 35.53
C ILE A 136 -11.53 17.43 36.52
N GLU A 137 -11.98 18.10 37.57
CA GLU A 137 -11.06 18.64 38.57
C GLU A 137 -10.20 17.54 39.18
N ASP A 138 -10.79 16.37 39.37
CA ASP A 138 -10.08 15.24 39.96
C ASP A 138 -8.98 14.74 39.03
N LEU A 139 -9.24 14.78 37.73
CA LEU A 139 -8.27 14.28 36.75
C LEU A 139 -7.17 15.29 36.48
N LEU A 140 -7.54 16.57 36.46
CA LEU A 140 -6.59 17.65 36.17
C LEU A 140 -5.64 17.94 37.34
N MET A 141 -6.17 17.91 38.56
CA MET A 141 -5.38 18.22 39.74
C MET A 141 -4.88 16.97 40.45
N ARG A 142 -3.74 17.10 41.14
CA ARG A 142 -3.16 15.98 41.87
C ARG A 142 -2.47 16.44 43.15
N ARG A 145 -1.30 20.10 42.55
CA ARG A 145 -0.74 20.68 41.33
C ARG A 145 -1.38 20.08 40.09
N LEU A 146 -1.08 20.67 38.94
CA LEU A 146 -1.62 20.18 37.67
C LEU A 146 -1.11 18.78 37.38
N ASN A 147 -2.03 17.85 37.16
CA ASN A 147 -1.67 16.46 36.88
C ASN A 147 -1.16 16.28 35.46
N LEU A 148 0.14 16.04 35.34
CA LEU A 148 0.77 15.90 34.03
C LEU A 148 0.68 14.48 33.47
N ASP A 149 0.02 13.61 34.23
CA ASP A 149 -0.21 12.24 33.78
C ASP A 149 -1.52 12.13 33.00
N TYR A 150 -2.34 13.18 33.12
CA TYR A 150 -3.59 13.27 32.38
C TYR A 150 -3.32 13.33 30.89
N LYS A 151 -3.73 12.29 30.17
CA LYS A 151 -3.40 12.16 28.75
C LYS A 151 -4.00 13.25 27.86
N ALA A 152 -5.15 13.78 28.23
CA ALA A 152 -5.79 14.83 27.43
C ALA A 152 -4.95 16.10 27.38
N LEU A 153 -4.21 16.38 28.45
CA LEU A 153 -3.31 17.53 28.45
C LEU A 153 -2.26 17.40 27.36
N ASN A 154 -1.69 16.20 27.23
CA ASN A 154 -0.62 15.97 26.28
C ASN A 154 -1.10 16.13 24.84
N ARG A 155 -2.33 15.71 24.57
CA ARG A 155 -2.86 15.83 23.21
C ARG A 155 -3.06 17.29 22.80
N SER A 156 -3.05 18.19 23.78
CA SER A 156 -3.17 19.62 23.49
C SER A 156 -1.81 20.32 23.38
N LEU A 157 -0.73 19.59 23.55
CA LEU A 157 0.61 20.17 23.37
C LEU A 157 0.97 20.16 21.89
N TYR A 158 0.37 21.08 21.15
CA TYR A 158 0.44 21.07 19.70
C TYR A 158 1.87 21.19 19.18
N HIS A 159 2.68 22.04 19.81
CA HIS A 159 4.06 22.21 19.38
C HIS A 159 4.80 20.88 19.41
N ALA A 160 4.73 20.20 20.53
CA ALA A 160 5.44 18.93 20.71
C ALA A 160 5.14 17.95 19.60
N HIS A 161 3.85 17.80 19.28
CA HIS A 161 3.45 16.85 18.24
C HIS A 161 3.75 17.35 16.84
N MET A 162 3.61 18.65 16.62
CA MET A 162 3.88 19.21 15.30
C MET A 162 5.33 18.93 14.88
N LEU A 163 6.25 18.98 15.83
CA LEU A 163 7.66 18.73 15.53
C LEU A 163 7.88 17.40 14.81
N ASN A 164 7.14 16.38 15.22
CA ASN A 164 7.28 15.05 14.65
C ASN A 164 6.85 15.02 13.19
N TRP A 165 5.84 15.81 12.87
CA TRP A 165 5.32 15.87 11.50
C TRP A 165 6.22 16.69 10.58
N LEU A 166 6.77 17.78 11.10
CA LEU A 166 7.59 18.68 10.28
C LEU A 166 8.96 18.09 9.94
N ARG A 167 9.32 16.99 10.58
CA ARG A 167 10.51 16.25 10.17
C ARG A 167 10.30 15.59 8.82
N PHE A 168 9.05 15.19 8.54
CA PHE A 168 8.74 14.43 7.34
C PHE A 168 8.03 15.24 6.27
N PHE A 169 7.33 16.28 6.66
CA PHE A 169 6.53 17.05 5.72
C PHE A 169 6.81 18.54 5.81
N PRO A 170 6.88 19.22 4.65
CA PRO A 170 7.07 20.67 4.63
C PRO A 170 5.87 21.33 5.30
N LEU A 171 6.09 22.43 6.02
CA LEU A 171 4.98 23.15 6.63
C LEU A 171 3.93 23.50 5.59
N GLY A 172 4.39 23.80 4.38
CA GLY A 172 3.50 24.21 3.30
C GLY A 172 2.55 23.13 2.84
N HIS A 173 2.81 21.90 3.28
CA HIS A 173 1.97 20.77 2.90
C HIS A 173 1.06 20.33 4.04
N ILE A 174 1.11 21.07 5.14
CA ILE A 174 0.21 20.82 6.27
C ILE A 174 -0.65 22.06 6.52
N HIS A 175 -1.90 22.02 6.08
CA HIS A 175 -2.80 23.15 6.28
C HIS A 175 -3.47 23.06 7.62
N ILE A 176 -3.34 24.12 8.42
CA ILE A 176 -3.95 24.15 9.75
C ILE A 176 -5.29 24.86 9.68
N VAL A 177 -6.35 24.14 10.02
CA VAL A 177 -7.68 24.73 10.07
C VAL A 177 -7.92 25.28 11.47
N ASP A 178 -8.42 26.52 11.55
CA ASP A 178 -8.74 27.12 12.83
C ASP A 178 -10.09 26.60 13.30
N GLY A 179 -10.06 25.63 14.20
CA GLY A 179 -11.27 24.95 14.65
C GLY A 179 -12.24 25.84 15.40
N ASP A 180 -11.70 26.81 16.14
CA ASP A 180 -12.53 27.81 16.80
C ASP A 180 -13.31 28.63 15.78
N ARG A 181 -12.62 29.07 14.72
CA ARG A 181 -13.27 29.83 13.66
C ARG A 181 -14.25 28.96 12.86
N LEU A 182 -13.95 27.67 12.72
CA LEU A 182 -14.86 26.77 12.02
C LEU A 182 -16.19 26.70 12.76
N ILE A 183 -16.14 26.67 14.09
CA ILE A 183 -17.35 26.60 14.89
C ILE A 183 -18.16 27.89 14.78
N ARG A 184 -17.47 29.03 14.75
CA ARG A 184 -18.14 30.33 14.68
C ARG A 184 -18.70 30.68 13.30
N ASP A 185 -17.92 30.39 12.27
CA ASP A 185 -18.25 30.81 10.90
C ASP A 185 -17.46 29.94 9.93
N PRO A 186 -17.98 28.73 9.64
CA PRO A 186 -17.21 27.72 8.92
C PRO A 186 -16.83 28.07 7.47
N PHE A 187 -17.69 28.77 6.76
CA PHE A 187 -17.47 28.94 5.32
C PHE A 187 -16.09 29.51 4.94
N PRO A 188 -15.67 30.62 5.58
CA PRO A 188 -14.35 31.16 5.26
C PRO A 188 -13.21 30.16 5.51
N GLU A 189 -13.29 29.36 6.58
CA GLU A 189 -12.27 28.34 6.81
C GLU A 189 -12.28 27.26 5.72
N ILE A 190 -13.49 26.86 5.31
CA ILE A 190 -13.60 25.86 4.25
C ILE A 190 -13.05 26.40 2.92
N GLN A 191 -13.27 27.69 2.65
CA GLN A 191 -12.70 28.27 1.44
C GLN A 191 -11.18 28.11 1.39
N LYS A 192 -10.53 28.28 2.54
CA LYS A 192 -9.08 28.16 2.59
C LYS A 192 -8.64 26.72 2.33
N VAL A 193 -9.42 25.77 2.81
CA VAL A 193 -9.13 24.36 2.56
C VAL A 193 -9.24 24.05 1.07
N GLU A 194 -10.27 24.56 0.41
CA GLU A 194 -10.44 24.35 -1.02
C GLU A 194 -9.21 24.84 -1.78
N ARG A 195 -8.78 26.06 -1.45
CA ARG A 195 -7.60 26.65 -2.08
C ARG A 195 -6.37 25.77 -1.85
N PHE A 196 -6.14 25.40 -0.59
CA PHE A 196 -5.01 24.55 -0.23
C PHE A 196 -4.97 23.26 -1.04
N LEU A 197 -6.14 22.66 -1.26
CA LEU A 197 -6.22 21.40 -1.98
C LEU A 197 -6.30 21.57 -3.51
N LYS A 198 -6.18 22.81 -3.97
CA LYS A 198 -6.30 23.12 -5.40
C LYS A 198 -7.69 22.76 -5.94
N LEU A 199 -8.70 22.78 -5.07
CA LEU A 199 -10.08 22.57 -5.49
C LEU A 199 -10.68 23.88 -6.00
N SER A 200 -11.55 23.79 -7.00
CA SER A 200 -12.29 24.96 -7.47
C SER A 200 -13.23 25.40 -6.35
N PRO A 201 -13.49 26.71 -6.26
CA PRO A 201 -14.33 27.23 -5.18
C PRO A 201 -15.81 26.95 -5.40
N GLN A 202 -16.22 25.70 -5.22
CA GLN A 202 -17.59 25.28 -5.52
C GLN A 202 -18.52 25.41 -4.33
N ILE A 203 -18.00 25.20 -3.13
CA ILE A 203 -18.80 25.35 -1.92
C ILE A 203 -19.19 26.82 -1.76
N ASN A 204 -20.43 27.06 -1.31
CA ASN A 204 -20.88 28.42 -1.09
C ASN A 204 -21.55 28.63 0.26
N ALA A 205 -21.71 29.90 0.65
CA ALA A 205 -22.27 30.26 1.94
C ALA A 205 -23.65 29.64 2.15
N SER A 206 -24.37 29.41 1.07
CA SER A 206 -25.72 28.83 1.15
C SER A 206 -25.71 27.34 1.47
N ASN A 207 -24.53 26.73 1.51
CA ASN A 207 -24.40 25.34 1.93
C ASN A 207 -24.43 25.20 3.45
N PHE A 208 -24.41 26.34 4.14
CA PHE A 208 -24.39 26.35 5.59
C PHE A 208 -25.56 27.15 6.14
N TYR A 209 -26.21 26.62 7.17
CA TYR A 209 -27.24 27.34 7.89
C TYR A 209 -27.10 27.03 9.37
N PHE A 210 -27.35 28.03 10.21
CA PHE A 210 -27.21 27.83 11.64
C PHE A 210 -28.49 27.25 12.24
N ASN A 211 -28.31 26.23 13.07
CA ASN A 211 -29.42 25.61 13.76
C ASN A 211 -29.36 25.97 15.24
N LYS A 212 -30.31 26.78 15.69
CA LYS A 212 -30.34 27.24 17.07
C LYS A 212 -30.54 26.08 18.05
N THR A 213 -31.33 25.10 17.65
CA THR A 213 -31.56 23.92 18.48
C THR A 213 -30.25 23.15 18.68
N LYS A 214 -29.51 22.99 17.60
CA LYS A 214 -28.25 22.25 17.63
C LYS A 214 -27.18 23.08 18.36
N GLY A 215 -27.23 24.39 18.16
CA GLY A 215 -26.21 25.28 18.70
C GLY A 215 -25.01 25.38 17.79
N PHE A 216 -25.10 24.77 16.61
CA PHE A 216 -23.99 24.77 15.66
C PHE A 216 -24.52 24.96 14.25
N TYR A 217 -23.61 25.20 13.31
CA TYR A 217 -23.97 25.24 11.90
C TYR A 217 -24.32 23.85 11.39
N CYS A 218 -25.24 23.82 10.43
CA CYS A 218 -25.62 22.58 9.78
C CYS A 218 -25.45 22.73 8.28
N LEU A 219 -25.57 21.62 7.57
CA LEU A 219 -25.26 21.60 6.14
C LEU A 219 -26.51 21.51 5.28
N ARG A 220 -26.51 22.25 4.18
CA ARG A 220 -27.60 22.22 3.22
C ARG A 220 -27.02 21.93 1.84
N ASP A 221 -27.55 20.91 1.18
CA ASP A 221 -27.05 20.53 -0.14
C ASP A 221 -28.01 19.57 -0.85
N SER A 222 -28.20 19.78 -2.14
CA SER A 222 -29.07 18.92 -2.94
C SER A 222 -30.45 18.79 -2.30
N GLY A 223 -30.97 19.91 -1.82
CA GLY A 223 -32.29 19.94 -1.22
C GLY A 223 -32.36 19.36 0.18
N LYS A 224 -31.36 18.55 0.54
CA LYS A 224 -31.34 17.90 1.84
C LYS A 224 -30.65 18.75 2.90
N ASP A 225 -31.26 18.82 4.09
CA ASP A 225 -30.68 19.54 5.21
C ASP A 225 -30.31 18.56 6.31
N ARG A 226 -29.20 18.83 7.00
CA ARG A 226 -28.77 17.95 8.07
C ARG A 226 -27.73 18.58 8.99
N CYS A 227 -27.84 18.26 10.28
CA CYS A 227 -26.83 18.64 11.26
C CYS A 227 -25.94 17.43 11.54
N LEU A 228 -24.79 17.68 12.16
CA LEU A 228 -23.91 16.59 12.54
C LEU A 228 -24.53 15.72 13.62
N HIS A 229 -23.95 14.53 13.80
CA HIS A 229 -24.42 13.53 14.75
C HIS A 229 -24.55 14.10 16.16
N GLU A 230 -25.43 13.51 16.97
CA GLU A 230 -25.66 14.00 18.33
C GLU A 230 -24.39 14.00 19.19
N SER A 231 -23.41 13.18 18.83
CA SER A 231 -22.17 13.10 19.58
C SER A 231 -21.25 14.28 19.26
N LYS A 232 -21.68 15.14 18.35
CA LYS A 232 -20.88 16.30 17.93
C LYS A 232 -21.50 17.59 18.42
N GLY A 233 -20.88 18.20 19.43
CA GLY A 233 -21.38 19.45 19.99
C GLY A 233 -22.01 19.26 21.35
N ARG A 234 -21.27 18.66 22.28
CA ARG A 234 -21.77 18.41 23.62
C ARG A 234 -21.46 19.56 24.56
N ALA A 235 -22.35 19.80 25.52
CA ALA A 235 -22.10 20.83 26.53
C ALA A 235 -20.93 20.44 27.43
N HIS A 236 -19.96 21.33 27.55
CA HIS A 236 -18.82 21.10 28.44
C HIS A 236 -19.19 21.37 29.90
N PRO A 237 -18.52 20.68 30.83
CA PRO A 237 -18.83 20.91 32.25
C PRO A 237 -18.29 22.26 32.72
N GLN A 238 -18.87 22.78 33.80
CA GLN A 238 -18.34 23.98 34.43
C GLN A 238 -17.10 23.60 35.23
N VAL A 239 -16.08 24.44 35.18
CA VAL A 239 -14.84 24.13 35.87
C VAL A 239 -14.44 25.21 36.86
N ASP A 240 -14.05 24.79 38.05
CA ASP A 240 -13.44 25.68 39.03
C ASP A 240 -12.57 26.68 38.28
N PRO A 241 -12.91 27.98 38.36
CA PRO A 241 -12.21 29.05 37.65
C PRO A 241 -10.71 29.01 37.92
N LYS A 242 -10.33 28.74 39.16
CA LYS A 242 -8.92 28.67 39.54
C LYS A 242 -8.21 27.56 38.77
N LEU A 243 -8.93 26.48 38.50
CA LEU A 243 -8.38 25.37 37.74
C LEU A 243 -8.27 25.73 36.27
N LEU A 244 -9.28 26.43 35.75
CA LEU A 244 -9.24 26.90 34.38
C LEU A 244 -8.03 27.81 34.16
N ASP A 245 -7.69 28.59 35.17
CA ASP A 245 -6.55 29.50 35.05
C ASP A 245 -5.22 28.76 35.03
N LYS A 246 -5.11 27.71 35.84
CA LYS A 246 -3.93 26.85 35.77
C LYS A 246 -3.84 26.25 34.38
N LEU A 247 -5.00 25.91 33.82
CA LEU A 247 -5.07 25.31 32.49
C LEU A 247 -4.59 26.29 31.41
N HIS A 248 -5.13 27.51 31.44
CA HIS A 248 -4.72 28.53 30.49
C HIS A 248 -3.23 28.82 30.61
N GLU A 249 -2.75 28.92 31.85
CA GLU A 249 -1.34 29.25 32.08
C GLU A 249 -0.45 28.12 31.59
N TYR A 250 -0.90 26.88 31.80
CA TYR A 250 -0.12 25.72 31.38
C TYR A 250 0.18 25.78 29.89
N PHE A 251 -0.78 26.23 29.09
CA PHE A 251 -0.64 26.23 27.65
C PHE A 251 -0.06 27.52 27.09
N HIS A 252 0.09 28.54 27.92
CA HIS A 252 0.53 29.85 27.42
C HIS A 252 1.86 29.81 26.66
N GLU A 253 2.87 29.18 27.27
CA GLU A 253 4.18 29.08 26.65
C GLU A 253 4.20 28.06 25.52
N PRO A 254 3.62 26.86 25.76
CA PRO A 254 3.53 25.91 24.65
C PRO A 254 2.85 26.52 23.42
N ASN A 255 1.88 27.40 23.63
CA ASN A 255 1.21 28.04 22.50
C ASN A 255 2.17 28.98 21.78
N LYS A 256 2.93 29.75 22.54
CA LYS A 256 3.90 30.66 21.95
C LYS A 256 4.85 29.90 21.04
N LYS A 257 5.41 28.81 21.56
CA LYS A 257 6.32 27.98 20.77
C LYS A 257 5.67 27.45 19.49
N PHE A 258 4.40 27.08 19.57
CA PHE A 258 3.66 26.62 18.41
C PHE A 258 3.44 27.74 17.40
N PHE A 259 3.09 28.91 17.90
CA PHE A 259 2.87 30.06 17.01
C PHE A 259 4.12 30.39 16.20
N LYS A 260 5.28 30.28 16.83
CA LYS A 260 6.54 30.57 16.15
C LYS A 260 6.91 29.45 15.18
N LEU A 261 6.59 28.21 15.55
CA LEU A 261 6.90 27.06 14.71
C LEU A 261 6.17 27.12 13.38
N VAL A 262 4.87 27.45 13.42
CA VAL A 262 4.04 27.43 12.24
C VAL A 262 3.86 28.82 11.63
N GLY A 263 4.51 29.81 12.23
CA GLY A 263 4.49 31.18 11.72
C GLY A 263 3.11 31.80 11.71
N ARG A 264 2.34 31.55 12.76
CA ARG A 264 0.94 31.95 12.80
C ARG A 264 0.42 31.96 14.24
N THR A 265 -0.41 32.95 14.57
CA THR A 265 -1.00 33.02 15.90
C THR A 265 -2.50 32.72 15.87
N PHE A 266 -2.99 32.11 16.94
CA PHE A 266 -4.42 31.83 17.07
C PHE A 266 -4.95 32.52 18.31
N ASP A 267 -6.22 32.90 18.29
CA ASP A 267 -6.82 33.62 19.41
C ASP A 267 -7.18 32.68 20.55
N TRP A 268 -6.17 32.13 21.21
CA TRP A 268 -6.38 31.15 22.27
C TRP A 268 -6.20 31.76 23.65
N HIS A 269 -6.74 31.10 24.67
CA HIS A 269 -6.64 31.58 26.05
C HIS A 269 -5.17 31.68 26.48
N THR B 13 -15.62 -7.87 -10.17
CA THR B 13 -14.82 -6.93 -9.38
C THR B 13 -13.32 -7.19 -9.56
N GLN B 14 -12.52 -6.18 -9.25
CA GLN B 14 -11.06 -6.32 -9.30
C GLN B 14 -10.48 -6.33 -7.90
N GLN B 15 -9.63 -7.30 -7.63
CA GLN B 15 -8.92 -7.37 -6.36
C GLN B 15 -7.43 -7.40 -6.60
N LEU B 16 -6.65 -6.89 -5.63
CA LEU B 16 -5.20 -6.93 -5.72
C LEU B 16 -4.78 -8.39 -5.68
N PRO B 17 -3.63 -8.71 -6.29
CA PRO B 17 -3.22 -10.12 -6.38
C PRO B 17 -2.89 -10.69 -5.02
N GLN B 18 -3.39 -11.89 -4.74
CA GLN B 18 -3.02 -12.59 -3.51
C GLN B 18 -1.76 -13.41 -3.72
N THR B 19 -1.33 -13.52 -4.97
CA THR B 19 -0.05 -14.14 -5.27
C THR B 19 0.54 -13.52 -6.53
N ILE B 20 1.86 -13.47 -6.58
CA ILE B 20 2.57 -12.90 -7.73
C ILE B 20 3.68 -13.85 -8.13
N ILE B 21 3.79 -14.09 -9.43
CA ILE B 21 4.92 -14.85 -9.95
C ILE B 21 6.01 -13.82 -10.23
N ILE B 22 7.07 -13.84 -9.43
CA ILE B 22 8.05 -12.76 -9.44
C ILE B 22 9.23 -12.97 -10.38
N GLY B 23 9.32 -14.15 -10.98
CA GLY B 23 10.49 -14.48 -11.79
C GLY B 23 10.73 -15.97 -11.66
N VAL B 24 11.88 -16.45 -12.11
CA VAL B 24 12.92 -15.62 -12.75
C VAL B 24 12.70 -15.53 -14.27
N ARG B 25 13.27 -14.48 -14.86
CA ARG B 25 13.24 -14.30 -16.32
C ARG B 25 13.74 -15.58 -17.02
N LYS B 26 12.92 -16.12 -17.91
CA LYS B 26 13.20 -17.36 -18.66
C LYS B 26 13.18 -18.62 -17.80
N GLY B 27 12.59 -18.53 -16.62
CA GLY B 27 12.52 -19.69 -15.74
C GLY B 27 11.32 -20.55 -16.03
N GLY B 28 10.42 -20.05 -16.86
CA GLY B 28 9.17 -20.74 -17.16
C GLY B 28 7.95 -20.04 -16.59
N THR B 29 8.00 -18.71 -16.52
CA THR B 29 6.93 -17.94 -15.89
C THR B 29 5.62 -18.02 -16.66
N ARG B 30 5.67 -17.92 -17.98
CA ARG B 30 4.45 -18.02 -18.78
C ARG B 30 3.79 -19.38 -18.61
N ALA B 31 4.57 -20.45 -18.70
CA ALA B 31 4.08 -21.81 -18.47
C ALA B 31 3.43 -21.94 -17.10
N LEU B 32 4.10 -21.46 -16.07
CA LEU B 32 3.56 -21.54 -14.73
C LEU B 32 2.22 -20.82 -14.62
N LEU B 33 2.14 -19.61 -15.17
CA LEU B 33 0.90 -18.84 -15.10
C LEU B 33 -0.23 -19.56 -15.83
N GLU B 34 0.03 -19.99 -17.06
CA GLU B 34 -1.00 -20.64 -17.87
C GLU B 34 -1.47 -21.96 -17.26
N MET B 35 -0.52 -22.72 -16.71
CA MET B 35 -0.86 -23.97 -16.04
C MET B 35 -1.71 -23.74 -14.79
N LEU B 36 -1.35 -22.71 -14.04
CA LEU B 36 -2.11 -22.35 -12.84
C LEU B 36 -3.49 -21.82 -13.20
N SER B 37 -3.60 -21.13 -14.33
CA SER B 37 -4.87 -20.56 -14.76
C SER B 37 -5.90 -21.63 -15.11
N LEU B 38 -5.43 -22.87 -15.28
CA LEU B 38 -6.33 -23.98 -15.54
C LEU B 38 -7.30 -24.17 -14.37
N HIS B 39 -6.88 -23.73 -13.19
CA HIS B 39 -7.70 -23.88 -12.00
C HIS B 39 -8.88 -22.90 -12.01
N PRO B 40 -10.10 -23.39 -11.78
CA PRO B 40 -11.29 -22.54 -11.82
C PRO B 40 -11.28 -21.40 -10.81
N ASP B 41 -10.55 -21.55 -9.71
CA ASP B 41 -10.52 -20.53 -8.67
C ASP B 41 -9.42 -19.49 -8.89
N VAL B 42 -8.73 -19.56 -10.03
CA VAL B 42 -7.66 -18.60 -10.31
C VAL B 42 -8.03 -17.63 -11.44
N ALA B 43 -7.83 -16.34 -11.20
CA ALA B 43 -8.01 -15.32 -12.21
C ALA B 43 -6.65 -14.69 -12.49
N ALA B 44 -6.18 -14.81 -13.72
CA ALA B 44 -4.84 -14.34 -14.06
C ALA B 44 -4.87 -13.02 -14.82
N ALA B 45 -3.97 -12.11 -14.46
N ALA B 45 -3.99 -12.10 -14.44
CA ALA B 45 -3.78 -10.90 -15.24
CA ALA B 45 -3.91 -10.80 -15.08
C ALA B 45 -3.35 -11.28 -16.65
C ALA B 45 -3.38 -10.93 -16.50
N GLU B 46 -3.90 -10.60 -17.63
N GLU B 46 -3.99 -10.19 -17.41
CA GLU B 46 -3.61 -10.91 -19.04
CA GLU B 46 -3.47 -10.08 -18.76
C GLU B 46 -2.12 -10.82 -19.34
C GLU B 46 -2.30 -9.11 -18.73
N ASN B 47 -1.50 -9.70 -19.00
N ASN B 47 -1.24 -9.44 -19.46
CA ASN B 47 -0.11 -9.47 -19.39
CA ASN B 47 -0.03 -8.62 -19.52
C ASN B 47 0.81 -9.18 -18.21
C ASN B 47 0.91 -8.84 -18.35
N GLU B 48 2.10 -9.10 -18.48
N GLU B 48 2.20 -8.66 -18.60
CA GLU B 48 3.05 -8.64 -17.47
CA GLU B 48 3.18 -8.54 -17.51
C GLU B 48 2.70 -7.19 -17.14
C GLU B 48 3.10 -7.11 -17.01
N VAL B 49 2.45 -6.91 -15.86
CA VAL B 49 2.06 -5.57 -15.45
C VAL B 49 3.22 -4.62 -15.23
N HIS B 50 4.36 -5.14 -14.78
CA HIS B 50 5.52 -4.29 -14.49
C HIS B 50 5.15 -3.10 -13.61
N PHE B 51 4.42 -3.36 -12.53
CA PHE B 51 4.01 -2.27 -11.66
C PHE B 51 5.13 -1.80 -10.74
N PHE B 52 5.75 -2.75 -10.03
CA PHE B 52 6.73 -2.41 -9.01
C PHE B 52 8.10 -2.05 -9.56
N ASP B 53 8.39 -2.49 -10.78
CA ASP B 53 9.74 -2.31 -11.34
C ASP B 53 9.91 -1.11 -12.29
N TRP B 54 8.84 -0.70 -12.95
CA TRP B 54 8.92 0.42 -13.87
C TRP B 54 8.39 1.66 -13.17
N GLU B 55 9.23 2.68 -13.05
CA GLU B 55 8.86 3.90 -12.33
C GLU B 55 7.63 4.56 -12.92
N GLU B 56 7.45 4.48 -14.23
CA GLU B 56 6.32 5.12 -14.89
C GLU B 56 4.99 4.44 -14.53
N HIS B 57 5.06 3.18 -14.11
CA HIS B 57 3.89 2.47 -13.64
C HIS B 57 3.70 2.64 -12.13
N TYR B 58 4.78 2.45 -11.39
CA TYR B 58 4.70 2.55 -9.93
C TYR B 58 4.19 3.92 -9.49
N SER B 59 4.61 4.95 -10.20
CA SER B 59 4.21 6.32 -9.87
C SER B 59 2.72 6.58 -10.12
N GLN B 60 2.05 5.67 -10.81
CA GLN B 60 0.61 5.81 -10.99
C GLN B 60 -0.19 5.34 -9.77
N GLY B 61 0.50 4.69 -8.84
CA GLY B 61 -0.10 4.32 -7.57
C GLY B 61 -0.77 2.96 -7.50
N LEU B 62 -1.05 2.54 -6.28
CA LEU B 62 -1.64 1.23 -6.04
C LEU B 62 -3.02 1.09 -6.66
N GLY B 63 -3.76 2.20 -6.72
CA GLY B 63 -5.06 2.21 -7.34
C GLY B 63 -4.99 1.83 -8.82
N TRP B 64 -3.97 2.32 -9.51
CA TRP B 64 -3.76 1.96 -10.90
C TRP B 64 -3.47 0.47 -11.07
N TYR B 65 -2.59 -0.04 -10.23
CA TYR B 65 -2.26 -1.46 -10.23
C TYR B 65 -3.54 -2.28 -10.11
N LEU B 66 -4.41 -1.87 -9.20
CA LEU B 66 -5.68 -2.59 -9.01
C LEU B 66 -6.51 -2.61 -10.30
N THR B 67 -6.50 -1.52 -11.05
CA THR B 67 -7.26 -1.46 -12.30
C THR B 67 -6.65 -2.31 -13.41
N GLN B 68 -5.45 -2.83 -13.20
CA GLN B 68 -4.79 -3.69 -14.19
C GLN B 68 -5.12 -5.16 -13.98
N MET B 69 -5.88 -5.46 -12.92
CA MET B 69 -6.20 -6.84 -12.60
C MET B 69 -7.42 -7.30 -13.39
N PRO B 70 -7.55 -8.62 -13.60
CA PRO B 70 -8.74 -9.12 -14.28
C PRO B 70 -9.94 -8.94 -13.37
N PHE B 71 -11.14 -8.85 -13.94
CA PHE B 71 -12.35 -8.86 -13.13
C PHE B 71 -12.65 -10.28 -12.67
N SER B 72 -12.53 -10.52 -11.37
CA SER B 72 -12.66 -11.86 -10.83
C SER B 72 -13.94 -11.99 -10.00
N SER B 73 -14.22 -13.21 -9.56
CA SER B 73 -15.32 -13.47 -8.64
C SER B 73 -14.76 -13.41 -7.23
N PRO B 74 -15.64 -13.25 -6.22
CA PRO B 74 -15.25 -13.09 -4.82
C PRO B 74 -14.15 -14.05 -4.37
N HIS B 75 -14.47 -15.33 -4.24
CA HIS B 75 -13.55 -16.31 -3.67
C HIS B 75 -12.40 -16.68 -4.60
N GLN B 76 -12.29 -15.98 -5.73
CA GLN B 76 -11.22 -16.27 -6.69
C GLN B 76 -9.89 -15.68 -6.25
N LEU B 77 -8.81 -16.32 -6.68
CA LEU B 77 -7.45 -15.88 -6.37
C LEU B 77 -6.85 -15.19 -7.59
N THR B 78 -6.47 -13.92 -7.43
CA THR B 78 -5.90 -13.15 -8.52
C THR B 78 -4.38 -13.22 -8.51
N VAL B 79 -3.80 -13.44 -9.68
CA VAL B 79 -2.36 -13.56 -9.80
C VAL B 79 -1.87 -12.76 -11.01
N GLU B 80 -0.71 -12.13 -10.88
CA GLU B 80 -0.05 -11.57 -12.05
C GLU B 80 1.38 -12.06 -12.10
N LYS B 81 1.99 -12.00 -13.28
CA LYS B 81 3.39 -12.37 -13.43
C LYS B 81 4.19 -11.29 -14.11
N THR B 82 5.26 -10.87 -13.47
CA THR B 82 6.24 -9.99 -14.09
C THR B 82 7.59 -10.54 -13.74
N PRO B 83 8.27 -11.17 -14.72
CA PRO B 83 9.51 -11.89 -14.42
C PRO B 83 10.62 -10.98 -13.91
N ALA B 84 10.59 -9.71 -14.30
CA ALA B 84 11.64 -8.77 -13.90
C ALA B 84 11.67 -8.50 -12.39
N TYR B 85 10.58 -8.78 -11.68
CA TYR B 85 10.51 -8.44 -10.25
C TYR B 85 11.67 -9.02 -9.46
N PHE B 86 11.99 -10.29 -9.71
CA PHE B 86 12.95 -11.02 -8.88
C PHE B 86 14.32 -10.33 -8.80
N THR B 87 14.78 -9.82 -9.93
CA THR B 87 16.12 -9.23 -10.00
C THR B 87 16.12 -7.71 -9.94
N SER B 88 14.98 -7.11 -9.62
CA SER B 88 14.91 -5.65 -9.47
C SER B 88 15.02 -5.29 -7.98
N PRO B 89 16.12 -4.63 -7.60
CA PRO B 89 16.46 -4.38 -6.19
C PRO B 89 15.36 -3.66 -5.39
N LYS B 90 14.66 -2.71 -6.01
CA LYS B 90 13.68 -1.91 -5.27
C LYS B 90 12.36 -2.64 -5.04
N VAL B 91 12.18 -3.76 -5.73
CA VAL B 91 10.85 -4.39 -5.76
C VAL B 91 10.38 -5.05 -4.47
N PRO B 92 11.24 -5.86 -3.82
CA PRO B 92 10.76 -6.53 -2.60
C PRO B 92 10.14 -5.57 -1.58
N GLU B 93 10.80 -4.45 -1.32
CA GLU B 93 10.28 -3.50 -0.32
C GLU B 93 8.91 -2.96 -0.74
N ARG B 94 8.76 -2.71 -2.03
CA ARG B 94 7.51 -2.17 -2.55
C ARG B 94 6.35 -3.16 -2.41
N ILE B 95 6.62 -4.43 -2.69
CA ILE B 95 5.57 -5.44 -2.57
C ILE B 95 5.19 -5.61 -1.10
N HIS B 96 6.21 -5.65 -0.25
CA HIS B 96 6.01 -5.75 1.20
C HIS B 96 5.11 -4.62 1.69
N SER B 97 5.35 -3.42 1.20
CA SER B 97 4.52 -2.26 1.54
C SER B 97 3.04 -2.47 1.19
N MET B 98 2.77 -3.17 0.09
CA MET B 98 1.40 -3.45 -0.32
C MET B 98 0.76 -4.51 0.54
N ASN B 99 1.51 -5.57 0.83
CA ASN B 99 0.96 -6.71 1.55
C ASN B 99 2.06 -7.62 2.07
N PRO B 100 2.48 -7.39 3.33
CA PRO B 100 3.59 -8.13 3.95
C PRO B 100 3.37 -9.64 3.99
N THR B 101 2.13 -10.10 3.92
CA THR B 101 1.85 -11.53 4.06
C THR B 101 1.50 -12.22 2.74
N ILE B 102 1.78 -11.55 1.63
CA ILE B 102 1.49 -12.11 0.33
C ILE B 102 2.27 -13.39 0.11
N ARG B 103 1.73 -14.28 -0.71
CA ARG B 103 2.43 -15.50 -1.10
C ARG B 103 3.04 -15.31 -2.48
N LEU B 104 4.32 -15.64 -2.63
CA LEU B 104 5.03 -15.40 -3.88
C LEU B 104 5.46 -16.70 -4.52
N LEU B 105 5.47 -16.72 -5.85
CA LEU B 105 5.92 -17.86 -6.62
C LEU B 105 7.16 -17.46 -7.41
N LEU B 106 8.21 -18.26 -7.26
CA LEU B 106 9.47 -18.05 -7.95
C LEU B 106 9.84 -19.33 -8.69
N ILE B 107 9.97 -19.26 -10.01
CA ILE B 107 10.33 -20.46 -10.75
C ILE B 107 11.75 -20.34 -11.29
N LEU B 108 12.56 -21.34 -10.97
CA LEU B 108 13.99 -21.30 -11.25
C LEU B 108 14.41 -22.51 -12.07
N ARG B 109 15.14 -22.26 -13.15
CA ARG B 109 15.73 -23.34 -13.93
C ARG B 109 17.22 -23.37 -13.61
N ASP B 110 17.92 -24.41 -14.05
CA ASP B 110 19.37 -24.44 -13.93
C ASP B 110 19.93 -23.10 -14.42
N PRO B 111 20.76 -22.45 -13.61
CA PRO B 111 21.22 -21.09 -13.93
C PRO B 111 21.95 -21.00 -15.26
N SER B 112 22.69 -22.05 -15.64
CA SER B 112 23.39 -22.01 -16.92
C SER B 112 22.41 -22.08 -18.09
N GLU B 113 21.41 -22.96 -17.98
CA GLU B 113 20.41 -23.06 -19.03
C GLU B 113 19.56 -21.79 -19.12
N ARG B 114 19.29 -21.17 -17.96
CA ARG B 114 18.56 -19.91 -17.94
C ARG B 114 19.31 -18.82 -18.70
N VAL B 115 20.64 -18.79 -18.55
CA VAL B 115 21.46 -17.83 -19.29
C VAL B 115 21.33 -18.06 -20.81
N LEU B 116 21.44 -19.32 -21.24
CA LEU B 116 21.33 -19.64 -22.67
C LEU B 116 19.98 -19.23 -23.24
N SER B 117 18.92 -19.49 -22.46
CA SER B 117 17.58 -19.10 -22.85
C SER B 117 17.45 -17.59 -23.01
N ASP B 118 18.07 -16.86 -22.07
CA ASP B 118 18.04 -15.41 -22.06
C ASP B 118 18.73 -14.88 -23.31
N TYR B 119 19.95 -15.35 -23.56
CA TYR B 119 20.69 -14.96 -24.76
C TYR B 119 19.89 -15.23 -26.04
N THR B 120 19.34 -16.43 -26.12
CA THR B 120 18.64 -16.85 -27.33
C THR B 120 17.46 -15.93 -27.65
N GLN B 121 16.74 -15.51 -26.61
CA GLN B 121 15.62 -14.60 -26.79
C GLN B 121 16.08 -13.23 -27.27
N VAL B 122 17.13 -12.70 -26.66
CA VAL B 122 17.65 -11.41 -27.07
C VAL B 122 18.22 -11.47 -28.48
N LEU B 123 18.88 -12.59 -28.80
CA LEU B 123 19.35 -12.81 -30.16
C LEU B 123 18.18 -12.75 -31.15
N TYR B 124 17.13 -13.50 -30.85
CA TYR B 124 15.94 -13.52 -31.69
C TYR B 124 15.31 -12.14 -31.84
N ASN B 125 15.25 -11.38 -30.75
CA ASN B 125 14.73 -10.01 -30.80
C ASN B 125 15.51 -9.16 -31.80
N HIS B 126 16.83 -9.30 -31.77
CA HIS B 126 17.68 -8.54 -32.69
C HIS B 126 17.49 -9.00 -34.14
N LEU B 127 17.47 -10.31 -34.35
CA LEU B 127 17.30 -10.87 -35.68
C LEU B 127 16.01 -10.36 -36.33
N GLN B 128 14.93 -10.36 -35.56
CA GLN B 128 13.63 -9.91 -36.06
C GLN B 128 13.65 -8.45 -36.47
N LYS B 129 14.59 -7.70 -35.92
CA LYS B 129 14.76 -6.30 -36.27
C LYS B 129 15.93 -6.07 -37.22
N HIS B 130 16.48 -7.16 -37.74
CA HIS B 130 17.62 -7.09 -38.67
C HIS B 130 18.80 -6.35 -38.06
N LYS B 131 19.00 -6.51 -36.76
CA LYS B 131 20.09 -5.87 -36.07
C LYS B 131 21.16 -6.89 -35.70
N PRO B 132 22.42 -6.45 -35.66
CA PRO B 132 23.52 -7.32 -35.23
C PRO B 132 23.46 -7.60 -33.72
N TYR B 133 23.87 -8.81 -33.34
CA TYR B 133 24.01 -9.19 -31.94
C TYR B 133 25.15 -10.20 -31.87
N PRO B 134 26.09 -9.99 -30.95
CA PRO B 134 27.31 -10.80 -30.86
C PRO B 134 26.99 -12.25 -30.54
N PRO B 135 27.81 -13.19 -31.02
CA PRO B 135 27.76 -14.58 -30.55
C PRO B 135 27.90 -14.59 -29.03
N ILE B 136 27.28 -15.55 -28.37
CA ILE B 136 27.30 -15.58 -26.91
C ILE B 136 28.73 -15.62 -26.34
N GLU B 137 29.65 -16.25 -27.07
CA GLU B 137 31.06 -16.26 -26.66
C GLU B 137 31.59 -14.85 -26.46
N ASP B 138 31.19 -13.94 -27.35
CA ASP B 138 31.64 -12.54 -27.29
C ASP B 138 31.09 -11.80 -26.08
N LEU B 139 29.87 -12.13 -25.68
CA LEU B 139 29.26 -11.48 -24.51
C LEU B 139 29.78 -12.07 -23.20
N LEU B 140 30.10 -13.35 -23.24
CA LEU B 140 30.52 -14.08 -22.04
C LEU B 140 32.00 -13.96 -21.74
N MET B 141 32.82 -13.95 -22.77
CA MET B 141 34.27 -13.91 -22.60
C MET B 141 34.85 -12.56 -22.97
N ARG B 142 35.74 -12.04 -22.12
CA ARG B 142 36.39 -10.76 -22.36
C ARG B 142 37.90 -10.87 -22.19
N ARG B 145 38.86 -14.38 -20.31
CA ARG B 145 38.23 -14.44 -19.00
C ARG B 145 36.75 -14.08 -19.07
N LEU B 146 35.98 -14.53 -18.08
CA LEU B 146 34.53 -14.35 -18.07
C LEU B 146 34.14 -12.89 -17.82
N ASN B 147 33.16 -12.40 -18.58
CA ASN B 147 32.70 -11.02 -18.46
C ASN B 147 31.67 -10.84 -17.34
N LEU B 148 32.10 -10.27 -16.22
CA LEU B 148 31.26 -10.16 -15.04
C LEU B 148 30.10 -9.19 -15.20
N ASP B 149 30.16 -8.37 -16.25
CA ASP B 149 29.14 -7.34 -16.48
C ASP B 149 28.01 -7.81 -17.39
N TYR B 150 28.14 -9.00 -17.96
CA TYR B 150 27.08 -9.55 -18.80
C TYR B 150 25.83 -9.75 -17.96
N LYS B 151 24.79 -8.97 -18.24
CA LYS B 151 23.59 -8.96 -17.41
C LYS B 151 22.93 -10.32 -17.24
N ALA B 152 22.94 -11.14 -18.29
CA ALA B 152 22.34 -12.47 -18.21
C ALA B 152 22.97 -13.31 -17.09
N LEU B 153 24.27 -13.15 -16.87
CA LEU B 153 24.94 -13.87 -15.78
C LEU B 153 24.38 -13.47 -14.42
N ASN B 154 24.16 -12.17 -14.22
CA ASN B 154 23.72 -11.67 -12.92
C ASN B 154 22.32 -12.15 -12.56
N ARG B 155 21.45 -12.28 -13.56
CA ARG B 155 20.09 -12.76 -13.30
C ARG B 155 20.05 -14.21 -12.85
N SER B 156 21.10 -14.96 -13.15
CA SER B 156 21.20 -16.36 -12.67
C SER B 156 21.89 -16.49 -11.32
N LEU B 157 22.30 -15.38 -10.72
CA LEU B 157 22.87 -15.42 -9.36
C LEU B 157 21.76 -15.46 -8.34
N TYR B 158 21.11 -16.61 -8.24
CA TYR B 158 19.89 -16.74 -7.45
C TYR B 158 20.09 -16.40 -5.96
N HIS B 159 21.22 -16.81 -5.39
CA HIS B 159 21.48 -16.51 -3.99
C HIS B 159 21.47 -15.01 -3.71
N ALA B 160 22.20 -14.25 -4.53
CA ALA B 160 22.31 -12.81 -4.34
C ALA B 160 20.95 -12.10 -4.35
N HIS B 161 20.10 -12.50 -5.28
CA HIS B 161 18.80 -11.86 -5.40
C HIS B 161 17.85 -12.34 -4.32
N MET B 162 17.97 -13.61 -3.96
CA MET B 162 17.12 -14.17 -2.92
C MET B 162 17.32 -13.44 -1.60
N LEU B 163 18.55 -13.05 -1.31
CA LEU B 163 18.83 -12.30 -0.09
C LEU B 163 18.01 -11.03 -0.02
N ASN B 164 17.78 -10.40 -1.16
CA ASN B 164 16.99 -9.16 -1.20
C ASN B 164 15.51 -9.40 -0.87
N TRP B 165 15.02 -10.58 -1.23
CA TRP B 165 13.63 -10.93 -0.95
C TRP B 165 13.43 -11.34 0.50
N LEU B 166 14.37 -12.12 1.02
CA LEU B 166 14.27 -12.62 2.38
C LEU B 166 14.47 -11.50 3.39
N ARG B 167 14.92 -10.34 2.92
CA ARG B 167 14.99 -9.17 3.78
C ARG B 167 13.59 -8.73 4.21
N PHE B 168 12.60 -9.04 3.37
CA PHE B 168 11.24 -8.56 3.62
C PHE B 168 10.20 -9.67 3.80
N PHE B 169 10.49 -10.86 3.29
CA PHE B 169 9.53 -11.95 3.33
C PHE B 169 10.13 -13.20 3.96
N PRO B 170 9.30 -14.00 4.64
CA PRO B 170 9.75 -15.28 5.18
C PRO B 170 9.91 -16.31 4.07
N LEU B 171 10.87 -17.21 4.22
CA LEU B 171 11.13 -18.23 3.21
C LEU B 171 9.88 -19.04 2.94
N GLY B 172 9.09 -19.29 3.97
CA GLY B 172 7.87 -20.07 3.85
C GLY B 172 6.81 -19.47 2.95
N HIS B 173 6.92 -18.17 2.67
CA HIS B 173 5.95 -17.51 1.81
C HIS B 173 6.46 -17.31 0.40
N ILE B 174 7.63 -17.87 0.10
CA ILE B 174 8.18 -17.85 -1.24
C ILE B 174 8.33 -19.29 -1.74
N HIS B 175 7.36 -19.74 -2.52
CA HIS B 175 7.38 -21.11 -3.03
C HIS B 175 8.27 -21.18 -4.27
N ILE B 176 9.31 -22.01 -4.20
CA ILE B 176 10.22 -22.14 -5.32
C ILE B 176 9.81 -23.32 -6.20
N VAL B 177 9.37 -23.01 -7.42
CA VAL B 177 8.99 -24.04 -8.38
C VAL B 177 10.23 -24.51 -9.10
N ASP B 178 10.42 -25.83 -9.18
CA ASP B 178 11.56 -26.38 -9.90
C ASP B 178 11.29 -26.30 -11.39
N GLY B 179 11.92 -25.33 -12.05
CA GLY B 179 11.69 -25.08 -13.45
C GLY B 179 12.13 -26.22 -14.36
N ASP B 180 13.26 -26.84 -14.04
CA ASP B 180 13.75 -27.96 -14.86
C ASP B 180 12.73 -29.10 -14.84
N ARG B 181 12.24 -29.41 -13.65
CA ARG B 181 11.24 -30.46 -13.51
C ARG B 181 9.91 -30.08 -14.14
N LEU B 182 9.56 -28.80 -14.13
CA LEU B 182 8.32 -28.36 -14.75
C LEU B 182 8.33 -28.71 -16.23
N ILE B 183 9.50 -28.59 -16.85
CA ILE B 183 9.64 -28.91 -18.26
C ILE B 183 9.49 -30.41 -18.49
N ARG B 184 10.12 -31.20 -17.62
CA ARG B 184 10.15 -32.66 -17.75
C ARG B 184 8.78 -33.27 -17.47
N ASP B 185 8.16 -32.84 -16.39
CA ASP B 185 6.87 -33.38 -15.96
C ASP B 185 6.15 -32.34 -15.10
N PRO B 186 5.33 -31.50 -15.74
CA PRO B 186 4.76 -30.32 -15.06
C PRO B 186 3.73 -30.62 -13.97
N PHE B 187 2.88 -31.63 -14.16
CA PHE B 187 1.78 -31.85 -13.22
C PHE B 187 2.19 -31.90 -11.75
N PRO B 188 3.22 -32.72 -11.42
CA PRO B 188 3.65 -32.83 -10.02
C PRO B 188 4.09 -31.49 -9.44
N GLU B 189 4.73 -30.65 -10.23
CA GLU B 189 5.15 -29.33 -9.74
C GLU B 189 3.92 -28.46 -9.50
N ILE B 190 2.99 -28.47 -10.44
CA ILE B 190 1.77 -27.69 -10.32
C ILE B 190 0.97 -28.12 -9.09
N GLN B 191 0.99 -29.41 -8.78
CA GLN B 191 0.30 -29.91 -7.61
C GLN B 191 0.78 -29.21 -6.34
N LYS B 192 2.10 -29.05 -6.23
CA LYS B 192 2.68 -28.38 -5.07
C LYS B 192 2.29 -26.91 -5.04
N VAL B 193 2.11 -26.30 -6.21
CA VAL B 193 1.69 -24.91 -6.27
C VAL B 193 0.26 -24.77 -5.75
N GLU B 194 -0.62 -25.67 -6.15
CA GLU B 194 -1.98 -25.69 -5.63
C GLU B 194 -1.98 -25.76 -4.10
N ARG B 195 -1.19 -26.68 -3.56
CA ARG B 195 -1.12 -26.86 -2.12
C ARG B 195 -0.61 -25.61 -1.40
N PHE B 196 0.44 -25.01 -1.95
CA PHE B 196 1.02 -23.79 -1.37
C PHE B 196 0.02 -22.65 -1.37
N LEU B 197 -0.77 -22.54 -2.44
CA LEU B 197 -1.77 -21.48 -2.55
C LEU B 197 -3.09 -21.88 -1.89
N LYS B 198 -3.13 -23.09 -1.32
CA LYS B 198 -4.32 -23.58 -0.64
C LYS B 198 -5.52 -23.67 -1.58
N LEU B 199 -5.25 -23.98 -2.84
CA LEU B 199 -6.31 -24.25 -3.81
C LEU B 199 -6.76 -25.70 -3.72
N SER B 200 -8.03 -25.94 -4.05
CA SER B 200 -8.53 -27.31 -4.12
C SER B 200 -7.86 -28.03 -5.28
N PRO B 201 -7.75 -29.36 -5.20
CA PRO B 201 -7.10 -30.18 -6.23
C PRO B 201 -7.96 -30.33 -7.49
N GLN B 202 -8.11 -29.25 -8.24
CA GLN B 202 -8.95 -29.27 -9.43
C GLN B 202 -8.16 -29.64 -10.68
N ILE B 203 -6.87 -29.32 -10.69
CA ILE B 203 -6.02 -29.66 -11.82
C ILE B 203 -5.55 -31.12 -11.73
N ASN B 204 -5.61 -31.82 -12.84
CA ASN B 204 -5.18 -33.21 -12.89
C ASN B 204 -4.23 -33.48 -14.05
N ALA B 205 -3.67 -34.69 -14.09
CA ALA B 205 -2.68 -35.05 -15.10
C ALA B 205 -3.21 -34.97 -16.52
N SER B 206 -4.52 -35.16 -16.68
CA SER B 206 -5.14 -35.16 -18.00
C SER B 206 -5.12 -33.78 -18.65
N ASN B 207 -4.77 -32.76 -17.87
CA ASN B 207 -4.66 -31.40 -18.37
C ASN B 207 -3.37 -31.16 -19.15
N PHE B 208 -2.46 -32.13 -19.07
CA PHE B 208 -1.14 -32.00 -19.67
C PHE B 208 -0.86 -33.13 -20.66
N TYR B 209 -0.30 -32.78 -21.81
CA TYR B 209 0.12 -33.78 -22.78
C TYR B 209 1.38 -33.33 -23.52
N PHE B 210 2.26 -34.28 -23.81
CA PHE B 210 3.52 -33.95 -24.48
C PHE B 210 3.34 -33.81 -25.99
N ASN B 211 3.55 -32.60 -26.49
CA ASN B 211 3.45 -32.32 -27.92
C ASN B 211 4.81 -32.51 -28.59
N LYS B 212 4.94 -33.55 -29.40
CA LYS B 212 6.22 -33.87 -30.03
C LYS B 212 6.68 -32.79 -31.00
N THR B 213 5.74 -32.20 -31.73
CA THR B 213 6.07 -31.12 -32.65
C THR B 213 6.60 -29.89 -31.91
N LYS B 214 5.88 -29.50 -30.86
CA LYS B 214 6.31 -28.38 -30.03
C LYS B 214 7.60 -28.70 -29.31
N GLY B 215 7.71 -29.94 -28.81
CA GLY B 215 8.89 -30.36 -28.08
C GLY B 215 8.76 -30.07 -26.59
N PHE B 216 7.56 -29.68 -26.18
CA PHE B 216 7.25 -29.41 -24.78
C PHE B 216 5.87 -29.95 -24.47
N TYR B 217 5.48 -29.87 -23.20
CA TYR B 217 4.12 -30.20 -22.80
C TYR B 217 3.17 -29.05 -23.18
N CYS B 218 1.96 -29.42 -23.57
CA CYS B 218 0.93 -28.44 -23.89
C CYS B 218 -0.30 -28.68 -23.01
N LEU B 219 -1.26 -27.77 -23.07
CA LEU B 219 -2.41 -27.84 -22.18
C LEU B 219 -3.67 -28.30 -22.91
N ARG B 220 -4.58 -28.91 -22.17
CA ARG B 220 -5.86 -29.35 -22.71
C ARG B 220 -6.95 -29.13 -21.68
N ASP B 221 -7.76 -28.08 -21.88
CA ASP B 221 -8.82 -27.75 -20.95
C ASP B 221 -10.20 -27.99 -21.55
N SER B 222 -10.94 -28.94 -20.96
CA SER B 222 -12.28 -29.27 -21.41
C SER B 222 -12.28 -29.68 -22.88
N GLY B 223 -11.27 -30.43 -23.29
CA GLY B 223 -11.17 -30.91 -24.65
C GLY B 223 -10.25 -30.05 -25.52
N LYS B 224 -10.55 -28.76 -25.59
CA LYS B 224 -9.75 -27.83 -26.38
C LYS B 224 -8.32 -27.76 -25.87
N ASP B 225 -7.36 -28.04 -26.74
CA ASP B 225 -5.95 -28.02 -26.36
C ASP B 225 -5.25 -26.77 -26.89
N ARG B 226 -4.07 -26.49 -26.35
CA ARG B 226 -3.26 -25.37 -26.81
C ARG B 226 -1.85 -25.46 -26.27
N CYS B 227 -0.87 -25.06 -27.08
CA CYS B 227 0.50 -24.98 -26.64
C CYS B 227 0.84 -23.53 -26.33
N LEU B 228 2.00 -23.30 -25.74
CA LEU B 228 2.42 -21.94 -25.44
C LEU B 228 2.87 -21.24 -26.72
N HIS B 229 2.84 -19.91 -26.69
CA HIS B 229 3.17 -19.09 -27.85
C HIS B 229 4.49 -19.54 -28.49
N GLU B 230 4.65 -19.23 -29.78
CA GLU B 230 5.86 -19.62 -30.52
C GLU B 230 7.12 -19.07 -29.84
N SER B 231 6.96 -17.99 -29.09
CA SER B 231 8.09 -17.37 -28.39
C SER B 231 8.46 -18.12 -27.12
N LYS B 232 7.69 -19.15 -26.80
CA LYS B 232 7.98 -20.00 -25.64
C LYS B 232 8.48 -21.36 -26.11
N GLY B 233 9.76 -21.63 -25.87
CA GLY B 233 10.39 -22.85 -26.33
C GLY B 233 11.16 -22.64 -27.62
N ARG B 234 11.94 -21.58 -27.67
CA ARG B 234 12.71 -21.24 -28.86
C ARG B 234 13.87 -22.20 -29.10
N ALA B 235 14.12 -22.53 -30.36
CA ALA B 235 15.25 -23.37 -30.72
C ALA B 235 16.56 -22.61 -30.49
N HIS B 236 17.46 -23.22 -29.72
CA HIS B 236 18.75 -22.59 -29.41
C HIS B 236 19.78 -22.85 -30.50
N PRO B 237 20.75 -21.93 -30.63
CA PRO B 237 21.84 -22.06 -31.61
C PRO B 237 22.85 -23.12 -31.19
N VAL B 239 25.79 -24.05 -29.21
CA VAL B 239 26.74 -23.50 -28.26
C VAL B 239 27.81 -24.53 -27.88
N ASP B 240 29.08 -24.13 -27.99
CA ASP B 240 30.17 -25.04 -27.69
C ASP B 240 30.06 -25.59 -26.27
N PRO B 241 30.22 -26.91 -26.11
CA PRO B 241 30.23 -27.54 -24.79
C PRO B 241 31.24 -26.82 -23.90
N LYS B 242 32.29 -26.32 -24.55
CA LYS B 242 33.33 -25.55 -23.90
C LYS B 242 32.75 -24.36 -23.13
N LEU B 243 31.82 -23.64 -23.76
CA LEU B 243 31.23 -22.47 -23.13
C LEU B 243 30.33 -22.88 -21.97
N LEU B 244 29.62 -23.99 -22.15
CA LEU B 244 28.74 -24.50 -21.11
C LEU B 244 29.54 -24.91 -19.87
N ASP B 245 30.75 -25.41 -20.07
CA ASP B 245 31.63 -25.76 -18.95
C ASP B 245 31.96 -24.54 -18.12
N LYS B 246 32.29 -23.43 -18.80
CA LYS B 246 32.59 -22.17 -18.12
C LYS B 246 31.41 -21.73 -17.26
N LEU B 247 30.21 -21.83 -17.81
CA LEU B 247 28.99 -21.45 -17.08
C LEU B 247 28.79 -22.32 -15.86
N HIS B 248 28.94 -23.63 -16.03
CA HIS B 248 28.79 -24.57 -14.91
C HIS B 248 29.75 -24.24 -13.78
N GLU B 249 31.00 -23.96 -14.14
CA GLU B 249 32.02 -23.64 -13.15
C GLU B 249 31.70 -22.33 -12.43
N TYR B 250 31.25 -21.34 -13.19
CA TYR B 250 30.91 -20.06 -12.60
C TYR B 250 29.82 -20.17 -11.55
N PHE B 251 28.78 -20.97 -11.83
CA PHE B 251 27.65 -21.07 -10.91
C PHE B 251 27.81 -22.13 -9.82
N HIS B 252 28.89 -22.91 -9.86
CA HIS B 252 29.08 -24.00 -8.91
C HIS B 252 28.95 -23.52 -7.45
N GLU B 253 29.81 -22.59 -7.06
CA GLU B 253 29.76 -22.08 -5.68
C GLU B 253 28.49 -21.25 -5.37
N PRO B 254 28.09 -20.35 -6.29
CA PRO B 254 26.85 -19.60 -6.05
C PRO B 254 25.66 -20.52 -5.84
N ASN B 255 25.60 -21.65 -6.56
CA ASN B 255 24.52 -22.61 -6.38
C ASN B 255 24.51 -23.19 -4.97
N LYS B 256 25.69 -23.61 -4.50
CA LYS B 256 25.80 -24.19 -3.16
C LYS B 256 25.34 -23.19 -2.10
N LYS B 257 25.72 -21.93 -2.26
CA LYS B 257 25.24 -20.88 -1.37
C LYS B 257 23.71 -20.80 -1.39
N PHE B 258 23.13 -20.90 -2.58
CA PHE B 258 21.68 -20.83 -2.71
C PHE B 258 21.00 -22.03 -2.04
N PHE B 259 21.57 -23.21 -2.26
CA PHE B 259 21.02 -24.43 -1.67
C PHE B 259 20.99 -24.32 -0.15
N LYS B 260 22.06 -23.77 0.42
CA LYS B 260 22.18 -23.62 1.87
C LYS B 260 21.22 -22.57 2.40
N LEU B 261 21.00 -21.52 1.61
CA LEU B 261 20.12 -20.44 2.02
C LEU B 261 18.67 -20.91 2.09
N VAL B 262 18.22 -21.61 1.07
CA VAL B 262 16.82 -22.04 0.99
C VAL B 262 16.61 -23.44 1.55
N GLY B 263 17.68 -24.04 2.07
CA GLY B 263 17.62 -25.36 2.67
C GLY B 263 17.12 -26.42 1.71
N ARG B 264 17.62 -26.37 0.47
CA ARG B 264 17.10 -27.24 -0.56
C ARG B 264 18.09 -27.32 -1.72
N THR B 265 18.28 -28.53 -2.23
N THR B 265 18.25 -28.53 -2.27
CA THR B 265 19.17 -28.75 -3.35
CA THR B 265 19.21 -28.77 -3.34
C THR B 265 18.37 -28.94 -4.63
C THR B 265 18.51 -29.14 -4.66
N PHE B 266 18.93 -28.50 -5.75
CA PHE B 266 18.32 -28.73 -7.05
C PHE B 266 19.31 -29.47 -7.93
N ASP B 267 18.79 -30.25 -8.88
CA ASP B 267 19.64 -31.06 -9.76
C ASP B 267 20.23 -30.20 -10.88
N TRP B 268 21.15 -29.32 -10.51
CA TRP B 268 21.77 -28.42 -11.47
C TRP B 268 23.21 -28.86 -11.73
N HIS B 269 23.76 -28.42 -12.85
CA HIS B 269 25.09 -28.86 -13.25
C HIS B 269 26.19 -28.11 -12.51
#